data_3M7A
#
_entry.id   3M7A
#
_cell.length_a   81.401
_cell.length_b   65.190
_cell.length_c   59.730
_cell.angle_alpha   90.000
_cell.angle_beta   128.600
_cell.angle_gamma   90.000
#
_symmetry.space_group_name_H-M   'C 1 2 1'
#
loop_
_entity.id
_entity.type
_entity.pdbx_description
1 polymer 'uncharacterized protein'
2 non-polymer 1,2-ETHANEDIOL
3 water water
#
_entity_poly.entity_id   1
_entity_poly.type   'polypeptide(L)'
_entity_poly.pdbx_seq_one_letter_code
;GGTKTAAEAAAPAVHPVSGLQIVPVTVTGTSGRHVFRSELARTSAEQAKGL(MSE)FRTELGDEEG(MSE)IFLRNPPD
(MSE)ATFW(MSE)RNTVIPLDIIFVGLDRRV(MSE)NIAANAVPYDETPLPAAGPTLAVLEINGGLAARLGIKPGDKVE
W
;
_entity_poly.pdbx_strand_id   A,B
#
loop_
_chem_comp.id
_chem_comp.type
_chem_comp.name
_chem_comp.formula
EDO non-polymer 1,2-ETHANEDIOL 'C2 H6 O2'
#
# COMPACT_ATOMS: atom_id res chain seq x y z
N GLY A 1 -9.31 -20.91 -10.23
CA GLY A 1 -9.72 -21.83 -9.13
C GLY A 1 -8.47 -22.28 -8.38
N GLY A 2 -8.35 -21.91 -7.11
CA GLY A 2 -7.19 -22.32 -6.34
C GLY A 2 -7.32 -23.65 -5.62
N THR A 3 -6.19 -24.15 -5.13
CA THR A 3 -6.19 -25.26 -4.19
C THR A 3 -6.93 -24.85 -2.92
N LYS A 4 -7.77 -25.75 -2.41
CA LYS A 4 -8.57 -25.44 -1.22
C LYS A 4 -7.70 -25.57 0.02
N THR A 5 -7.42 -24.45 0.67
CA THR A 5 -6.61 -24.50 1.89
C THR A 5 -7.55 -24.83 3.05
N ALA A 6 -7.31 -25.97 3.70
CA ALA A 6 -8.18 -26.43 4.80
C ALA A 6 -8.33 -25.35 5.89
N ALA A 7 -7.24 -24.68 6.19
CA ALA A 7 -7.23 -23.62 7.21
C ALA A 7 -8.14 -22.45 6.87
N GLU A 8 -8.32 -22.19 5.58
CA GLU A 8 -9.18 -21.11 5.18
C GLU A 8 -10.66 -21.45 5.40
N ALA A 9 -11.02 -22.70 5.10
CA ALA A 9 -12.39 -23.18 5.13
C ALA A 9 -12.84 -23.59 6.53
N ALA A 10 -11.91 -23.94 7.41
CA ALA A 10 -12.26 -24.42 8.74
C ALA A 10 -12.97 -23.34 9.56
N ALA A 11 -13.99 -23.76 10.31
CA ALA A 11 -14.78 -22.88 11.17
C ALA A 11 -13.90 -22.17 12.20
N PRO A 12 -14.35 -21.01 12.66
CA PRO A 12 -13.63 -20.38 13.77
C PRO A 12 -13.50 -21.33 14.97
N ALA A 13 -12.44 -21.13 15.74
CA ALA A 13 -12.15 -21.94 16.91
C ALA A 13 -11.80 -21.01 18.06
N VAL A 14 -11.34 -21.58 19.17
CA VAL A 14 -10.95 -20.81 20.35
C VAL A 14 -9.55 -21.21 20.77
N HIS A 15 -8.70 -20.23 21.02
CA HIS A 15 -7.30 -20.49 21.38
C HIS A 15 -7.19 -20.97 22.83
N PRO A 16 -6.40 -22.03 23.06
CA PRO A 16 -6.40 -22.62 24.41
C PRO A 16 -5.65 -21.82 25.45
N VAL A 17 -4.76 -20.91 25.02
CA VAL A 17 -3.99 -20.08 25.97
C VAL A 17 -4.72 -18.77 26.26
N SER A 18 -5.10 -18.08 25.19
CA SER A 18 -5.66 -16.74 25.31
C SER A 18 -7.18 -16.72 25.44
N GLY A 19 -7.84 -17.81 25.08
CA GLY A 19 -9.29 -17.81 24.97
C GLY A 19 -9.87 -16.97 23.84
N LEU A 20 -9.01 -16.36 23.00
CA LEU A 20 -9.47 -15.54 21.91
C LEU A 20 -10.04 -16.42 20.78
N GLN A 21 -10.99 -15.87 20.03
CA GLN A 21 -11.49 -16.53 18.84
C GLN A 21 -10.33 -16.66 17.85
N ILE A 22 -10.26 -17.76 17.13
CA ILE A 22 -9.35 -17.95 16.01
C ILE A 22 -10.15 -17.95 14.73
N VAL A 23 -9.77 -17.08 13.80
CA VAL A 23 -10.46 -16.92 12.55
C VAL A 23 -9.48 -17.00 11.39
N PRO A 24 -9.94 -17.48 10.24
CA PRO A 24 -9.05 -17.50 9.07
C PRO A 24 -8.87 -16.09 8.49
N VAL A 25 -7.62 -15.72 8.19
CA VAL A 25 -7.28 -14.43 7.57
C VAL A 25 -6.49 -14.75 6.31
N THR A 26 -6.83 -14.10 5.20
CA THR A 26 -6.13 -14.30 3.95
C THR A 26 -5.45 -13.03 3.52
N VAL A 27 -4.33 -13.22 2.85
CA VAL A 27 -3.55 -12.13 2.29
C VAL A 27 -3.30 -12.53 0.83
N THR A 28 -3.74 -11.69 -0.10
CA THR A 28 -3.74 -12.04 -1.53
C THR A 28 -3.15 -10.90 -2.34
N GLY A 29 -2.23 -11.28 -3.22
CA GLY A 29 -1.57 -10.33 -4.10
C GLY A 29 -0.82 -11.05 -5.20
N THR A 30 0.20 -10.40 -5.76
CA THR A 30 0.98 -10.98 -6.85
CA THR A 30 0.95 -11.00 -6.86
C THR A 30 1.64 -12.29 -6.44
N SER A 31 2.05 -12.41 -5.18
CA SER A 31 2.66 -13.64 -4.70
C SER A 31 1.70 -14.81 -4.55
N GLY A 32 0.40 -14.55 -4.64
CA GLY A 32 -0.58 -15.58 -4.46
C GLY A 32 -1.47 -15.30 -3.25
N ARG A 33 -2.00 -16.37 -2.66
CA ARG A 33 -2.92 -16.30 -1.55
C ARG A 33 -2.34 -17.05 -0.39
N HIS A 34 -2.24 -16.36 0.76
CA HIS A 34 -1.70 -16.90 2.00
C HIS A 34 -2.79 -16.91 3.05
N VAL A 35 -2.74 -17.90 3.94
CA VAL A 35 -3.80 -18.11 4.92
C VAL A 35 -3.19 -18.27 6.32
N PHE A 36 -3.71 -17.53 7.29
CA PHE A 36 -3.26 -17.58 8.67
C PHE A 36 -4.46 -17.82 9.58
N ARG A 37 -4.39 -18.84 10.43
CA ARG A 37 -5.36 -19.02 11.50
C ARG A 37 -4.98 -18.06 12.63
N SER A 38 -5.80 -17.02 12.81
CA SER A 38 -5.39 -15.88 13.61
C SER A 38 -6.27 -15.65 14.82
N GLU A 39 -5.65 -15.53 15.98
CA GLU A 39 -6.35 -15.04 17.16
C GLU A 39 -6.86 -13.62 16.90
N LEU A 40 -8.08 -13.32 17.34
CA LEU A 40 -8.71 -12.03 17.09
CA LEU A 40 -8.71 -12.04 17.08
C LEU A 40 -8.64 -11.19 18.35
N ALA A 41 -7.85 -10.13 18.28
CA ALA A 41 -7.75 -9.17 19.37
C ALA A 41 -8.58 -7.96 18.98
N ARG A 42 -9.57 -7.65 19.79
CA ARG A 42 -10.48 -6.55 19.48
C ARG A 42 -10.45 -5.38 20.45
N THR A 43 -10.56 -5.64 21.75
CA THR A 43 -10.60 -4.54 22.70
C THR A 43 -9.24 -3.84 22.73
N SER A 44 -9.22 -2.61 23.21
CA SER A 44 -7.96 -1.91 23.33
CA SER A 44 -7.98 -1.88 23.38
C SER A 44 -6.97 -2.69 24.22
N ALA A 45 -7.45 -3.30 25.30
CA ALA A 45 -6.60 -4.07 26.17
C ALA A 45 -6.11 -5.36 25.50
N GLU A 46 -6.96 -6.05 24.72
CA GLU A 46 -6.51 -7.22 24.00
C GLU A 46 -5.39 -6.82 23.04
N GLN A 47 -5.55 -5.68 22.38
CA GLN A 47 -4.58 -5.22 21.42
C GLN A 47 -3.27 -4.75 22.09
N ALA A 48 -3.36 -4.23 23.32
CA ALA A 48 -2.16 -3.82 24.07
C ALA A 48 -1.37 -5.03 24.55
N LYS A 49 -2.03 -6.16 24.77
CA LYS A 49 -1.33 -7.37 25.16
CA LYS A 49 -1.34 -7.38 25.16
C LYS A 49 -0.70 -8.07 23.96
N GLY A 50 -1.39 -8.08 22.80
CA GLY A 50 -0.83 -8.70 21.59
C GLY A 50 -0.38 -10.11 21.85
N LEU A 51 0.83 -10.38 21.35
CA LEU A 51 1.47 -11.69 21.50
C LEU A 51 2.54 -11.68 22.60
N MSE A 52 2.42 -10.75 23.55
CA MSE A 52 3.33 -10.76 24.69
C MSE A 52 3.36 -12.15 25.32
O MSE A 52 2.35 -12.86 25.41
CB MSE A 52 2.88 -9.76 25.74
CG MSE A 52 3.12 -8.31 25.41
SE MSE A 52 2.64 -7.21 26.91
CE MSE A 52 3.12 -5.52 26.12
N PHE A 53 4.59 -12.51 25.75
CA PHE A 53 4.88 -13.72 26.53
C PHE A 53 4.85 -15.03 25.75
N ARG A 54 4.36 -15.02 24.51
CA ARG A 54 4.28 -16.24 23.71
CA ARG A 54 4.24 -16.23 23.73
C ARG A 54 5.66 -16.70 23.31
N THR A 55 5.96 -17.99 23.46
CA THR A 55 7.28 -18.49 23.07
C THR A 55 7.28 -19.23 21.74
N GLU A 56 6.10 -19.39 21.14
CA GLU A 56 6.01 -20.05 19.84
CA GLU A 56 5.92 -20.18 19.91
C GLU A 56 4.78 -19.60 19.07
N LEU A 57 4.87 -19.72 17.77
CA LEU A 57 3.85 -19.32 16.80
C LEU A 57 4.17 -20.06 15.51
N GLY A 58 3.19 -20.72 14.94
CA GLY A 58 3.38 -21.42 13.67
C GLY A 58 3.31 -20.47 12.48
N ASP A 59 3.94 -20.87 11.37
CA ASP A 59 3.87 -20.06 10.14
C ASP A 59 2.46 -19.97 9.60
N GLU A 60 1.62 -20.93 10.00
CA GLU A 60 0.23 -21.04 9.62
CA GLU A 60 0.23 -20.88 9.52
C GLU A 60 -0.70 -20.21 10.52
N GLU A 61 -0.13 -19.59 11.54
CA GLU A 61 -0.86 -18.86 12.58
C GLU A 61 -0.52 -17.38 12.56
N GLY A 62 -1.34 -16.59 13.24
CA GLY A 62 -1.08 -15.19 13.41
C GLY A 62 -1.95 -14.62 14.50
N MSE A 63 -1.90 -13.30 14.63
CA MSE A 63 -2.87 -12.58 15.46
C MSE A 63 -3.37 -11.41 14.61
O MSE A 63 -2.57 -10.67 14.03
CB MSE A 63 -2.30 -12.08 16.77
CG MSE A 63 -3.31 -11.35 17.66
SE MSE A 63 -2.71 -10.94 19.42
CE MSE A 63 -3.01 -12.69 20.23
N ILE A 64 -4.69 -11.26 14.54
CA ILE A 64 -5.34 -10.17 13.82
CA ILE A 64 -5.31 -10.16 13.84
C ILE A 64 -5.96 -9.22 14.85
N PHE A 65 -5.66 -7.94 14.69
CA PHE A 65 -6.08 -6.87 15.55
C PHE A 65 -7.09 -6.04 14.76
N LEU A 66 -8.36 -6.03 15.18
CA LEU A 66 -9.44 -5.37 14.42
C LEU A 66 -9.82 -4.11 15.16
N ARG A 67 -9.78 -3.01 14.43
CA ARG A 67 -9.84 -1.70 15.06
C ARG A 67 -11.02 -0.88 14.62
N ASN A 68 -11.72 -0.37 15.61
CA ASN A 68 -12.84 0.53 15.38
C ASN A 68 -12.98 1.44 16.59
N PRO A 69 -12.76 2.75 16.44
CA PRO A 69 -12.41 3.44 15.19
CA PRO A 69 -12.41 3.45 15.20
C PRO A 69 -11.03 3.03 14.66
N PRO A 70 -10.81 3.18 13.34
CA PRO A 70 -9.54 2.72 12.75
C PRO A 70 -8.42 3.76 12.92
N ASP A 71 -8.14 4.10 14.16
CA ASP A 71 -7.12 5.06 14.49
C ASP A 71 -5.77 4.54 14.04
N MSE A 72 -4.87 5.44 13.70
CA MSE A 72 -3.51 5.07 13.35
CA MSE A 72 -3.51 5.06 13.33
C MSE A 72 -2.88 4.30 14.52
O MSE A 72 -2.92 4.77 15.66
CB MSE A 72 -2.72 6.35 13.08
CB MSE A 72 -2.67 6.30 12.99
CG MSE A 72 -1.29 6.17 12.69
CG MSE A 72 -1.20 6.01 12.71
SE MSE A 72 -0.44 7.91 12.59
SE MSE A 72 -0.32 7.41 11.66
CE MSE A 72 1.40 7.32 12.92
CE MSE A 72 1.46 7.35 12.46
N ALA A 73 -2.32 3.13 14.26
CA ALA A 73 -1.75 2.26 15.29
C ALA A 73 -0.24 2.44 15.39
N THR A 74 0.28 2.28 16.60
CA THR A 74 1.73 2.21 16.82
C THR A 74 1.98 1.03 17.76
N PHE A 75 2.90 0.16 17.37
CA PHE A 75 3.17 -1.08 18.10
C PHE A 75 4.55 -1.03 18.75
N TRP A 76 4.81 -1.96 19.66
CA TRP A 76 6.15 -2.20 20.18
C TRP A 76 6.28 -3.65 20.60
N MSE A 77 7.48 -4.03 21.06
CA MSE A 77 7.81 -5.41 21.34
C MSE A 77 8.13 -5.66 22.82
O MSE A 77 8.70 -6.69 23.16
CB MSE A 77 8.94 -5.88 20.43
CG MSE A 77 8.57 -5.88 18.95
SE MSE A 77 7.28 -7.25 18.46
CE MSE A 77 8.55 -8.69 18.35
N ARG A 78 7.71 -4.75 23.71
CA ARG A 78 7.84 -5.02 25.12
CA ARG A 78 7.83 -5.03 25.13
C ARG A 78 7.19 -6.39 25.44
N ASN A 79 7.90 -7.22 26.23
CA ASN A 79 7.44 -8.55 26.63
C ASN A 79 7.18 -9.54 25.51
N THR A 80 7.60 -9.21 24.29
CA THR A 80 7.43 -10.09 23.15
C THR A 80 8.75 -10.80 22.90
N VAL A 81 8.65 -12.13 22.97
CA VAL A 81 9.80 -13.04 22.99
C VAL A 81 10.22 -13.51 21.59
N ILE A 82 9.27 -13.56 20.68
CA ILE A 82 9.51 -14.05 19.34
C ILE A 82 9.50 -12.88 18.35
N PRO A 83 10.35 -12.94 17.31
CA PRO A 83 10.34 -11.88 16.32
C PRO A 83 9.07 -11.95 15.48
N LEU A 84 8.59 -10.80 15.04
CA LEU A 84 7.32 -10.73 14.30
C LEU A 84 7.44 -9.80 13.13
N ASP A 85 6.65 -10.06 12.09
CA ASP A 85 6.35 -9.09 11.06
C ASP A 85 4.95 -8.52 11.37
N ILE A 86 4.88 -7.20 11.37
CA ILE A 86 3.66 -6.48 11.73
C ILE A 86 3.10 -5.81 10.46
N ILE A 87 1.97 -6.33 9.99
CA ILE A 87 1.40 -5.94 8.72
C ILE A 87 0.20 -5.04 8.99
N PHE A 88 0.32 -3.77 8.61
CA PHE A 88 -0.71 -2.77 8.91
C PHE A 88 -1.65 -2.63 7.70
N VAL A 89 -2.95 -2.72 7.98
CA VAL A 89 -3.97 -2.77 6.96
C VAL A 89 -4.85 -1.51 7.03
N GLY A 90 -5.00 -0.85 5.88
CA GLY A 90 -5.82 0.34 5.77
C GLY A 90 -7.30 0.09 5.55
N LEU A 91 -8.01 1.19 5.32
CA LEU A 91 -9.47 1.18 5.36
CA LEU A 91 -9.46 1.19 5.35
C LEU A 91 -10.10 0.47 4.17
N ASP A 92 -9.33 0.28 3.10
CA ASP A 92 -9.71 -0.50 1.95
C ASP A 92 -9.27 -1.96 2.04
N ARG A 93 -8.87 -2.41 3.23
CA ARG A 93 -8.38 -3.76 3.47
C ARG A 93 -7.10 -4.09 2.69
N ARG A 94 -6.31 -3.07 2.33
CA ARG A 94 -5.02 -3.32 1.70
C ARG A 94 -3.88 -3.02 2.67
N VAL A 95 -2.79 -3.76 2.52
CA VAL A 95 -1.59 -3.54 3.32
C VAL A 95 -1.02 -2.17 2.98
N MSE A 96 -0.81 -1.34 4.00
CA MSE A 96 -0.16 -0.05 3.85
C MSE A 96 1.36 -0.16 3.98
O MSE A 96 2.11 0.45 3.20
CB MSE A 96 -0.65 0.93 4.92
CG MSE A 96 -2.11 1.27 4.80
SE MSE A 96 -2.70 2.51 6.17
CE MSE A 96 -2.44 1.42 7.73
N ASN A 97 1.81 -0.88 4.99
CA ASN A 97 3.19 -0.96 5.33
C ASN A 97 3.40 -2.16 6.27
N ILE A 98 4.64 -2.61 6.33
CA ILE A 98 5.01 -3.76 7.14
C ILE A 98 6.20 -3.34 8.01
N ALA A 99 6.12 -3.60 9.32
CA ALA A 99 7.28 -3.51 10.20
C ALA A 99 7.88 -4.91 10.24
N ALA A 100 8.84 -5.15 9.35
CA ALA A 100 9.43 -6.47 9.20
C ALA A 100 10.48 -6.71 10.29
N ASN A 101 10.52 -7.94 10.76
CA ASN A 101 11.56 -8.32 11.72
C ASN A 101 11.60 -7.42 12.94
N ALA A 102 10.40 -7.10 13.44
CA ALA A 102 10.30 -6.45 14.75
C ALA A 102 11.06 -7.31 15.75
N VAL A 103 11.79 -6.66 16.64
CA VAL A 103 12.82 -7.32 17.46
C VAL A 103 12.28 -7.62 18.89
N PRO A 104 12.45 -8.86 19.37
CA PRO A 104 12.04 -9.18 20.73
C PRO A 104 12.49 -8.14 21.75
N TYR A 105 11.56 -7.72 22.60
CA TYR A 105 11.81 -6.83 23.73
C TYR A 105 12.07 -5.37 23.33
N ASP A 106 12.11 -5.07 22.03
CA ASP A 106 12.44 -3.74 21.57
C ASP A 106 11.27 -2.78 21.80
N GLU A 107 11.53 -1.70 22.53
CA GLU A 107 10.50 -0.71 22.83
C GLU A 107 10.35 0.40 21.78
N THR A 108 11.17 0.34 20.72
CA THR A 108 11.07 1.30 19.63
C THR A 108 9.67 1.27 19.02
N PRO A 109 9.05 2.45 18.81
CA PRO A 109 7.70 2.45 18.26
C PRO A 109 7.73 2.01 16.81
N LEU A 110 6.69 1.30 16.43
CA LEU A 110 6.53 0.76 15.07
C LEU A 110 5.20 1.30 14.57
N PRO A 111 5.24 2.41 13.83
CA PRO A 111 4.00 3.07 13.43
C PRO A 111 3.40 2.56 12.14
N ALA A 112 2.09 2.54 12.08
CA ALA A 112 1.37 2.37 10.84
C ALA A 112 1.56 3.59 9.96
N ALA A 113 1.33 3.42 8.65
CA ALA A 113 1.42 4.53 7.72
C ALA A 113 0.30 5.53 7.88
N GLY A 114 -0.78 5.16 8.56
CA GLY A 114 -1.96 6.01 8.68
C GLY A 114 -3.07 5.28 9.41
N PRO A 115 -4.31 5.80 9.32
CA PRO A 115 -5.47 5.13 9.91
C PRO A 115 -5.45 3.63 9.62
N THR A 116 -5.56 2.87 10.69
CA THR A 116 -5.31 1.44 10.65
C THR A 116 -6.60 0.68 10.98
N LEU A 117 -7.18 0.00 9.98
CA LEU A 117 -8.36 -0.82 10.16
C LEU A 117 -8.03 -2.15 10.85
N ALA A 118 -6.87 -2.73 10.51
CA ALA A 118 -6.48 -4.02 11.08
C ALA A 118 -4.96 -4.12 11.08
N VAL A 119 -4.44 -5.02 11.91
CA VAL A 119 -3.06 -5.38 11.93
C VAL A 119 -2.98 -6.89 11.98
N LEU A 120 -2.09 -7.48 11.17
CA LEU A 120 -1.85 -8.90 11.17
C LEU A 120 -0.39 -9.11 11.58
N GLU A 121 -0.19 -9.87 12.66
CA GLU A 121 1.15 -10.27 13.09
C GLU A 121 1.40 -11.74 12.75
N ILE A 122 2.54 -11.98 12.12
CA ILE A 122 3.00 -13.31 11.74
C ILE A 122 4.48 -13.42 12.11
N ASN A 123 5.04 -14.60 11.98
CA ASN A 123 6.44 -14.81 12.36
C ASN A 123 7.40 -13.87 11.63
N GLY A 124 8.42 -13.47 12.35
CA GLY A 124 9.41 -12.58 11.80
C GLY A 124 10.02 -13.13 10.55
N GLY A 125 10.12 -12.27 9.53
CA GLY A 125 10.72 -12.63 8.25
C GLY A 125 9.79 -13.33 7.28
N LEU A 126 8.62 -13.73 7.74
CA LEU A 126 7.73 -14.53 6.94
C LEU A 126 7.12 -13.74 5.78
N ALA A 127 6.84 -12.46 5.99
CA ALA A 127 6.22 -11.68 4.91
C ALA A 127 7.10 -11.71 3.67
N ALA A 128 8.40 -11.47 3.85
CA ALA A 128 9.30 -11.46 2.70
C ALA A 128 9.49 -12.85 2.11
N ARG A 129 9.55 -13.87 2.95
CA ARG A 129 9.66 -15.23 2.43
C ARG A 129 8.47 -15.57 1.52
N LEU A 130 7.29 -15.10 1.92
CA LEU A 130 6.04 -15.36 1.20
C LEU A 130 5.77 -14.44 0.04
N GLY A 131 6.37 -13.27 0.05
CA GLY A 131 6.11 -12.28 -0.95
C GLY A 131 4.97 -11.32 -0.65
N ILE A 132 4.54 -11.24 0.60
CA ILE A 132 3.49 -10.31 1.00
C ILE A 132 4.04 -8.89 0.89
N LYS A 133 3.26 -8.00 0.26
CA LYS A 133 3.72 -6.64 -0.04
CA LYS A 133 3.73 -6.63 0.05
C LYS A 133 2.63 -5.61 0.22
N PRO A 134 3.03 -4.35 0.46
CA PRO A 134 2.05 -3.28 0.48
C PRO A 134 1.18 -3.32 -0.77
N GLY A 135 -0.11 -3.07 -0.57
CA GLY A 135 -1.10 -3.19 -1.63
C GLY A 135 -1.89 -4.50 -1.64
N ASP A 136 -1.37 -5.54 -1.02
CA ASP A 136 -2.07 -6.83 -1.00
C ASP A 136 -3.34 -6.71 -0.19
N LYS A 137 -4.33 -7.50 -0.58
CA LYS A 137 -5.67 -7.45 0.02
C LYS A 137 -5.71 -8.45 1.17
N VAL A 138 -6.13 -7.96 2.33
CA VAL A 138 -6.29 -8.78 3.54
C VAL A 138 -7.76 -8.93 3.84
N GLU A 139 -8.23 -10.16 4.06
CA GLU A 139 -9.63 -10.41 4.34
C GLU A 139 -9.79 -11.31 5.56
N TRP A 140 -10.84 -11.01 6.29
CA TRP A 140 -11.24 -11.76 7.47
C TRP A 140 -12.76 -11.73 7.57
N GLY B 1 -4.12 24.61 8.66
CA GLY B 1 -3.89 25.60 7.57
C GLY B 1 -2.46 25.43 7.10
N GLY B 2 -2.26 24.87 5.92
CA GLY B 2 -0.91 24.64 5.47
C GLY B 2 -0.28 25.86 4.79
N THR B 3 1.01 25.74 4.52
CA THR B 3 1.71 26.70 3.67
C THR B 3 1.13 26.62 2.26
N LYS B 4 0.96 27.78 1.63
CA LYS B 4 0.35 27.85 0.28
C LYS B 4 1.40 27.44 -0.75
N THR B 5 1.36 26.18 -1.21
CA THR B 5 2.34 25.70 -2.19
C THR B 5 2.03 26.33 -3.54
N ALA B 6 3.01 27.02 -4.10
CA ALA B 6 2.81 27.69 -5.38
C ALA B 6 2.32 26.71 -6.45
N ALA B 7 2.90 25.51 -6.45
CA ALA B 7 2.57 24.48 -7.43
C ALA B 7 1.10 24.03 -7.34
N GLU B 8 0.52 24.07 -6.14
CA GLU B 8 -0.87 23.71 -5.99
C GLU B 8 -1.82 24.82 -6.43
N ALA B 9 -1.43 26.06 -6.19
CA ALA B 9 -2.27 27.20 -6.47
C ALA B 9 -2.16 27.66 -7.93
N ALA B 10 -1.15 27.21 -8.67
CA ALA B 10 -0.93 27.65 -10.04
C ALA B 10 -2.13 27.29 -10.91
N ALA B 11 -2.48 28.16 -11.85
N ALA B 11 -2.41 28.22 -11.82
CA ALA B 11 -3.61 27.88 -12.74
CA ALA B 11 -3.48 28.09 -12.75
C ALA B 11 -3.31 26.68 -13.65
C ALA B 11 -3.21 26.95 -13.71
N PRO B 12 -4.34 25.86 -13.98
N PRO B 12 -4.28 26.46 -14.34
CA PRO B 12 -4.05 24.87 -15.03
CA PRO B 12 -4.33 25.38 -15.32
C PRO B 12 -3.48 25.55 -16.32
C PRO B 12 -3.37 25.74 -16.43
N ALA B 13 -2.64 24.79 -17.02
CA ALA B 13 -1.84 25.23 -18.14
C ALA B 13 -1.76 24.10 -19.11
N VAL B 14 -1.01 24.30 -20.19
CA VAL B 14 -0.80 23.31 -21.25
CA VAL B 14 -0.81 23.25 -21.17
C VAL B 14 0.68 22.98 -21.28
N HIS B 15 1.03 21.69 -21.38
CA HIS B 15 2.42 21.30 -21.38
C HIS B 15 3.07 21.61 -22.71
N PRO B 16 4.29 22.17 -22.70
CA PRO B 16 4.92 22.61 -23.96
C PRO B 16 5.42 21.48 -24.86
N VAL B 17 5.53 20.26 -24.33
CA VAL B 17 5.94 19.11 -25.15
C VAL B 17 4.74 18.34 -25.64
N SER B 18 3.86 17.93 -24.72
CA SER B 18 2.74 17.06 -25.07
C SER B 18 1.47 17.78 -25.50
N GLY B 19 1.34 19.05 -25.13
CA GLY B 19 0.09 19.75 -25.33
C GLY B 19 -1.02 19.32 -24.39
N LEU B 20 -0.74 18.42 -23.43
CA LEU B 20 -1.73 17.95 -22.49
C LEU B 20 -1.99 19.02 -21.45
N GLN B 21 -3.17 19.01 -20.88
CA GLN B 21 -3.50 19.85 -19.71
CA GLN B 21 -3.47 19.87 -19.74
C GLN B 21 -2.57 19.48 -18.56
N ILE B 22 -2.13 20.49 -17.82
CA ILE B 22 -1.39 20.29 -16.58
C ILE B 22 -2.31 20.70 -15.44
N VAL B 23 -2.51 19.78 -14.48
CA VAL B 23 -3.36 20.03 -13.34
C VAL B 23 -2.58 19.67 -12.08
N PRO B 24 -2.88 20.34 -10.97
CA PRO B 24 -2.26 19.91 -9.72
C PRO B 24 -2.84 18.58 -9.24
N VAL B 25 -1.94 17.68 -8.85
CA VAL B 25 -2.30 16.42 -8.24
C VAL B 25 -1.60 16.40 -6.88
N THR B 26 -2.35 16.09 -5.84
CA THR B 26 -1.75 16.01 -4.50
C THR B 26 -1.81 14.59 -3.97
N VAL B 27 -0.80 14.27 -3.17
CA VAL B 27 -0.79 13.02 -2.43
C VAL B 27 -0.56 13.39 -0.96
N THR B 28 -1.50 12.96 -0.12
CA THR B 28 -1.50 13.35 1.29
C THR B 28 -1.59 12.13 2.20
N GLY B 29 -0.67 12.10 3.14
CA GLY B 29 -0.64 11.08 4.17
C GLY B 29 0.11 11.57 5.39
N THR B 30 0.62 10.64 6.19
CA THR B 30 1.28 11.00 7.43
C THR B 30 2.54 11.80 7.17
N SER B 31 3.21 11.54 6.04
CA SER B 31 4.40 12.29 5.71
C SER B 31 4.13 13.76 5.36
N GLY B 32 2.89 14.07 5.07
CA GLY B 32 2.51 15.43 4.67
C GLY B 32 1.75 15.43 3.34
N ARG B 33 1.71 16.61 2.74
CA ARG B 33 1.03 16.82 1.46
C ARG B 33 2.08 17.16 0.42
N HIS B 34 2.05 16.38 -0.65
CA HIS B 34 2.98 16.48 -1.81
C HIS B 34 2.19 16.87 -3.02
N VAL B 35 2.75 17.80 -3.79
CA VAL B 35 2.06 18.39 -4.94
C VAL B 35 2.85 18.16 -6.21
N PHE B 36 2.16 17.65 -7.25
CA PHE B 36 2.78 17.42 -8.55
C PHE B 36 1.94 18.07 -9.63
N ARG B 37 2.54 18.99 -10.35
CA ARG B 37 1.92 19.57 -11.56
C ARG B 37 2.01 18.51 -12.63
N SER B 38 0.86 17.96 -12.99
CA SER B 38 0.82 16.71 -13.73
C SER B 38 0.12 16.84 -15.06
N GLU B 39 0.76 16.31 -16.09
CA GLU B 39 0.11 16.20 -17.38
C GLU B 39 -1.02 15.20 -17.26
N LEU B 40 -2.13 15.54 -17.88
CA LEU B 40 -3.32 14.73 -17.82
C LEU B 40 -3.46 13.86 -19.07
N ALA B 41 -3.21 12.56 -18.91
CA ALA B 41 -3.29 11.59 -19.99
C ALA B 41 -4.62 10.86 -19.84
N ARG B 42 -5.52 11.04 -20.79
CA ARG B 42 -6.87 10.46 -20.65
CA ARG B 42 -6.89 10.47 -20.65
C ARG B 42 -7.29 9.50 -21.74
N THR B 43 -7.05 9.83 -23.01
CA THR B 43 -7.43 8.89 -24.03
C THR B 43 -6.54 7.65 -23.98
N SER B 44 -7.02 6.55 -24.54
CA SER B 44 -6.23 5.33 -24.55
CA SER B 44 -6.24 5.33 -24.57
C SER B 44 -4.87 5.57 -25.21
N ALA B 45 -4.83 6.33 -26.30
CA ALA B 45 -3.57 6.58 -27.01
C ALA B 45 -2.64 7.51 -26.21
N GLU B 46 -3.21 8.50 -25.53
CA GLU B 46 -2.38 9.35 -24.64
C GLU B 46 -1.72 8.49 -23.55
N GLN B 47 -2.50 7.58 -22.99
CA GLN B 47 -1.99 6.72 -21.92
C GLN B 47 -0.98 5.69 -22.44
N ALA B 48 -1.13 5.23 -23.68
CA ALA B 48 -0.12 4.35 -24.29
C ALA B 48 1.21 5.07 -24.51
N LYS B 49 1.16 6.38 -24.80
CA LYS B 49 2.37 7.15 -24.99
CA LYS B 49 2.37 7.15 -24.99
C LYS B 49 3.06 7.44 -23.66
N GLY B 50 2.28 7.73 -22.62
CA GLY B 50 2.87 8.02 -21.33
C GLY B 50 3.96 9.05 -21.39
N LEU B 51 5.03 8.77 -20.65
CA LEU B 51 6.22 9.63 -20.63
C LEU B 51 7.32 9.10 -21.56
N MSE B 52 6.95 8.39 -22.60
CA MSE B 52 7.93 7.96 -23.59
C MSE B 52 8.71 9.14 -24.12
O MSE B 52 8.15 10.22 -24.32
CB MSE B 52 7.29 7.22 -24.76
CG MSE B 52 6.82 5.83 -24.44
SE MSE B 52 6.15 4.99 -26.06
CE MSE B 52 5.51 3.37 -25.25
N PHE B 53 10.02 8.91 -24.29
CA PHE B 53 10.97 9.83 -24.93
C PHE B 53 11.39 11.03 -24.07
N ARG B 54 10.76 11.24 -22.93
CA ARG B 54 11.07 12.38 -22.07
CA ARG B 54 11.05 12.39 -22.10
C ARG B 54 12.38 12.18 -21.36
N THR B 55 13.26 13.18 -21.43
CA THR B 55 14.55 13.04 -20.82
C THR B 55 14.69 13.78 -19.48
N GLU B 56 13.64 14.48 -19.09
CA GLU B 56 13.64 15.22 -17.84
C GLU B 56 12.22 15.30 -17.28
N LEU B 57 12.14 15.37 -15.95
CA LEU B 57 10.92 15.56 -15.21
C LEU B 57 11.28 16.15 -13.86
N GLY B 58 10.60 17.21 -13.45
CA GLY B 58 10.85 17.83 -12.15
C GLY B 58 10.27 17.03 -11.00
N ASP B 59 10.83 17.18 -9.79
CA ASP B 59 10.26 16.52 -8.60
C ASP B 59 8.89 17.07 -8.20
N GLU B 60 8.51 18.23 -8.75
CA GLU B 60 7.17 18.77 -8.50
C GLU B 60 6.30 18.61 -9.75
N GLU B 61 6.67 17.69 -10.63
CA GLU B 61 5.89 17.36 -11.81
C GLU B 61 5.55 15.89 -11.85
N GLY B 62 4.59 15.54 -12.70
CA GLY B 62 4.21 14.16 -12.89
C GLY B 62 3.36 13.99 -14.12
N MSE B 63 2.84 12.77 -14.29
CA MSE B 63 1.79 12.49 -15.28
C MSE B 63 0.74 11.67 -14.60
O MSE B 63 1.07 10.67 -13.96
CB MSE B 63 2.34 11.77 -16.53
CG MSE B 63 1.26 11.55 -17.58
SE MSE B 63 1.93 10.90 -19.28
CE MSE B 63 2.53 12.58 -20.00
N ILE B 64 -0.52 12.08 -14.74
CA ILE B 64 -1.65 11.36 -14.20
C ILE B 64 -2.46 10.79 -15.34
N PHE B 65 -2.78 9.51 -15.18
CA PHE B 65 -3.48 8.71 -16.15
C PHE B 65 -4.84 8.36 -15.55
N LEU B 66 -5.93 8.71 -16.21
CA LEU B 66 -7.29 8.46 -15.69
C LEU B 66 -7.97 7.29 -16.41
N ARG B 67 -8.22 6.20 -15.70
CA ARG B 67 -8.81 5.02 -16.31
C ARG B 67 -10.32 5.18 -16.37
N ASN B 68 -10.87 4.94 -17.55
CA ASN B 68 -12.32 4.82 -17.68
C ASN B 68 -12.71 3.85 -18.77
N PRO B 69 -13.28 2.69 -18.38
CA PRO B 69 -13.64 2.33 -17.03
C PRO B 69 -12.42 1.98 -16.20
N PRO B 70 -12.55 2.08 -14.87
CA PRO B 70 -11.48 1.57 -14.01
C PRO B 70 -11.27 0.10 -14.34
N ASP B 71 -10.03 -0.33 -14.39
CA ASP B 71 -9.70 -1.65 -14.83
C ASP B 71 -8.42 -2.13 -14.16
N MSE B 72 -7.95 -3.30 -14.53
CA MSE B 72 -6.69 -3.84 -14.09
CA MSE B 72 -6.67 -3.82 -14.07
C MSE B 72 -5.61 -3.24 -15.00
O MSE B 72 -5.35 -3.79 -16.07
CB MSE B 72 -6.75 -5.37 -14.21
CB MSE B 72 -6.62 -5.34 -14.08
CG MSE B 72 -5.45 -6.09 -14.12
CG MSE B 72 -7.73 -6.02 -13.27
SE MSE B 72 -4.49 -5.48 -12.59
SE MSE B 72 -7.62 -5.58 -11.39
CE MSE B 72 -2.72 -5.48 -13.37
CE MSE B 72 -5.77 -6.07 -11.09
N ALA B 73 -5.01 -2.12 -14.58
CA ALA B 73 -4.04 -1.41 -15.41
C ALA B 73 -2.69 -2.09 -15.35
N THR B 74 -2.04 -2.18 -16.50
CA THR B 74 -0.67 -2.67 -16.62
C THR B 74 0.19 -1.69 -17.42
N PHE B 75 1.35 -1.33 -16.87
CA PHE B 75 2.28 -0.39 -17.46
C PHE B 75 3.59 -1.08 -17.82
N TRP B 76 4.38 -0.38 -18.63
CA TRP B 76 5.73 -0.80 -18.98
C TRP B 76 6.58 0.41 -19.31
N MSE B 77 7.86 0.15 -19.53
CA MSE B 77 8.83 1.21 -19.68
C MSE B 77 9.44 1.24 -21.09
O MSE B 77 10.47 1.90 -21.32
CB MSE B 77 9.89 1.10 -18.61
CG MSE B 77 9.35 1.35 -17.21
SE MSE B 77 8.79 3.15 -16.85
CE MSE B 77 10.57 3.86 -16.50
N ARG B 78 8.78 0.62 -22.07
CA ARG B 78 9.24 0.76 -23.46
CA ARG B 78 9.14 0.76 -23.49
C ARG B 78 9.37 2.23 -23.83
N ASN B 79 10.53 2.59 -24.41
CA ASN B 79 10.83 3.95 -24.86
C ASN B 79 10.82 5.00 -23.77
N THR B 80 10.81 4.59 -22.49
CA THR B 80 10.81 5.53 -21.37
C THR B 80 12.25 5.59 -20.88
N VAL B 81 12.77 6.81 -20.82
CA VAL B 81 14.19 7.08 -20.71
C VAL B 81 14.62 7.35 -19.26
N ILE B 82 13.71 7.82 -18.42
CA ILE B 82 14.00 8.15 -17.04
C ILE B 82 13.29 7.16 -16.13
N PRO B 83 13.91 6.80 -14.99
CA PRO B 83 13.23 5.88 -14.07
C PRO B 83 12.02 6.58 -13.43
N LEU B 84 10.99 5.80 -13.12
CA LEU B 84 9.74 6.32 -12.60
C LEU B 84 9.26 5.49 -11.45
N ASP B 85 8.53 6.12 -10.53
CA ASP B 85 7.66 5.44 -9.60
C ASP B 85 6.26 5.53 -10.19
N ILE B 86 5.62 4.38 -10.30
CA ILE B 86 4.26 4.26 -10.84
C ILE B 86 3.28 4.01 -9.70
N ILE B 87 2.46 5.01 -9.39
CA ILE B 87 1.63 5.01 -8.21
C ILE B 87 0.19 4.70 -8.64
N PHE B 88 -0.28 3.50 -8.33
CA PHE B 88 -1.61 3.06 -8.72
C PHE B 88 -2.65 3.48 -7.69
N VAL B 89 -3.75 4.06 -8.15
CA VAL B 89 -4.76 4.63 -7.29
C VAL B 89 -6.06 3.86 -7.46
N GLY B 90 -6.62 3.40 -6.32
CA GLY B 90 -7.88 2.65 -6.31
C GLY B 90 -9.11 3.52 -6.42
N LEU B 91 -10.26 2.86 -6.40
CA LEU B 91 -11.53 3.50 -6.68
C LEU B 91 -11.92 4.55 -5.65
N ASP B 92 -11.37 4.43 -4.45
CA ASP B 92 -11.58 5.36 -3.35
C ASP B 92 -10.51 6.46 -3.27
N ARG B 93 -9.69 6.59 -4.32
CA ARG B 93 -8.60 7.56 -4.40
C ARG B 93 -7.47 7.30 -3.41
N ARG B 94 -7.37 6.09 -2.88
CA ARG B 94 -6.17 5.72 -2.12
C ARG B 94 -5.12 5.13 -3.02
N VAL B 95 -3.86 5.41 -2.72
CA VAL B 95 -2.78 4.66 -3.34
C VAL B 95 -2.95 3.19 -2.96
N MSE B 96 -2.85 2.30 -3.95
N MSE B 96 -3.00 2.33 -3.96
CA MSE B 96 -2.89 0.83 -3.71
CA MSE B 96 -2.88 0.91 -3.74
C MSE B 96 -1.53 0.20 -3.63
C MSE B 96 -1.37 0.67 -3.73
O MSE B 96 -1.25 -0.63 -2.79
O MSE B 96 -0.66 0.97 -2.77
CB MSE B 96 -3.63 0.11 -4.83
CG MSE B 96 -5.10 0.37 -4.87
SE MSE B 96 -6.06 -0.66 -6.20
CE MSE B 96 -5.21 0.13 -7.78
N ASN B 97 -0.71 0.51 -4.60
N ASN B 97 -0.83 0.23 -4.83
CA ASN B 97 0.59 -0.12 -4.74
CA ASN B 97 0.53 -0.17 -4.80
C ASN B 97 1.40 0.81 -5.58
C ASN B 97 1.39 0.80 -5.59
N ILE B 98 2.70 0.70 -5.41
CA ILE B 98 3.64 1.53 -6.13
C ILE B 98 4.65 0.60 -6.79
N ALA B 99 4.83 0.74 -8.09
CA ALA B 99 5.93 0.08 -8.78
C ALA B 99 7.09 1.09 -8.72
N ALA B 100 7.94 0.88 -7.73
CA ALA B 100 9.02 1.82 -7.48
C ALA B 100 10.20 1.55 -8.38
N ASN B 101 10.88 2.61 -8.82
CA ASN B 101 12.13 2.46 -9.58
C ASN B 101 11.96 1.59 -10.80
N ALA B 102 10.86 1.81 -11.51
CA ALA B 102 10.63 1.19 -12.81
C ALA B 102 11.82 1.57 -13.68
N VAL B 103 12.26 0.60 -14.50
CA VAL B 103 13.56 0.67 -15.16
C VAL B 103 13.41 1.16 -16.60
N PRO B 104 14.14 2.23 -16.98
CA PRO B 104 14.04 2.68 -18.36
C PRO B 104 14.23 1.55 -19.38
N TYR B 105 13.35 1.53 -20.37
CA TYR B 105 13.34 0.55 -21.46
C TYR B 105 12.90 -0.85 -21.08
N ASP B 106 12.59 -1.10 -19.81
CA ASP B 106 12.16 -2.44 -19.40
C ASP B 106 10.72 -2.74 -19.84
N GLU B 107 10.51 -3.86 -20.51
CA GLU B 107 9.22 -4.23 -21.02
C GLU B 107 8.40 -5.11 -20.09
N THR B 108 8.95 -5.41 -18.91
CA THR B 108 8.25 -6.22 -17.90
C THR B 108 6.93 -5.54 -17.56
N PRO B 109 5.83 -6.30 -17.47
CA PRO B 109 4.57 -5.66 -17.09
C PRO B 109 4.62 -5.24 -15.62
N LEU B 110 4.05 -4.07 -15.36
CA LEU B 110 3.96 -3.46 -14.03
C LEU B 110 2.46 -3.35 -13.71
N PRO B 111 1.89 -4.35 -12.99
N PRO B 111 1.89 -4.37 -13.01
CA PRO B 111 0.45 -4.39 -12.82
CA PRO B 111 0.43 -4.40 -12.82
C PRO B 111 -0.06 -3.67 -11.58
C PRO B 111 -0.06 -3.68 -11.57
N ALA B 112 -1.27 -3.13 -11.67
CA ALA B 112 -1.98 -2.62 -10.52
C ALA B 112 -2.34 -3.77 -9.59
N ALA B 113 -2.49 -3.46 -8.30
CA ALA B 113 -2.90 -4.45 -7.29
C ALA B 113 -4.38 -4.74 -7.35
N GLY B 114 -5.17 -3.89 -8.00
CA GLY B 114 -6.62 -4.03 -8.00
C GLY B 114 -7.21 -3.04 -8.97
N PRO B 115 -8.53 -2.90 -8.94
CA PRO B 115 -9.22 -2.01 -9.87
C PRO B 115 -8.62 -0.59 -9.76
N THR B 116 -8.27 -0.02 -10.92
CA THR B 116 -7.45 1.18 -10.99
C THR B 116 -8.27 2.32 -11.52
N LEU B 117 -8.41 3.36 -10.72
CA LEU B 117 -9.05 4.60 -11.11
C LEU B 117 -8.08 5.57 -11.80
N ALA B 118 -6.87 5.64 -11.28
CA ALA B 118 -5.85 6.54 -11.79
C ALA B 118 -4.46 5.98 -11.52
N VAL B 119 -3.48 6.48 -12.26
CA VAL B 119 -2.09 6.19 -12.04
C VAL B 119 -1.31 7.50 -12.09
N LEU B 120 -0.44 7.73 -11.09
CA LEU B 120 0.41 8.91 -11.07
C LEU B 120 1.87 8.46 -11.23
N GLU B 121 2.56 8.99 -12.23
CA GLU B 121 3.99 8.75 -12.44
C GLU B 121 4.80 9.95 -12.00
N ILE B 122 5.78 9.67 -11.16
CA ILE B 122 6.73 10.66 -10.67
C ILE B 122 8.14 10.08 -10.79
N ASN B 123 9.15 10.90 -10.51
CA ASN B 123 10.54 10.49 -10.65
C ASN B 123 10.84 9.23 -9.82
N GLY B 124 11.67 8.35 -10.38
CA GLY B 124 12.05 7.11 -9.71
C GLY B 124 12.64 7.37 -8.34
N GLY B 125 12.15 6.62 -7.36
CA GLY B 125 12.60 6.71 -5.99
C GLY B 125 11.97 7.84 -5.19
N LEU B 126 11.19 8.70 -5.83
CA LEU B 126 10.67 9.88 -5.14
C LEU B 126 9.57 9.51 -4.15
N ALA B 127 8.77 8.46 -4.39
CA ALA B 127 7.71 8.11 -3.45
C ALA B 127 8.32 7.79 -2.09
N ALA B 128 9.35 6.95 -2.07
CA ALA B 128 9.95 6.57 -0.78
C ALA B 128 10.70 7.77 -0.17
N ARG B 129 11.34 8.61 -0.98
CA ARG B 129 11.99 9.80 -0.46
C ARG B 129 11.01 10.68 0.30
N LEU B 130 9.80 10.81 -0.25
CA LEU B 130 8.77 11.71 0.28
C LEU B 130 7.93 11.09 1.38
N GLY B 131 7.98 9.77 1.49
CA GLY B 131 7.14 9.03 2.41
C GLY B 131 5.74 8.72 1.93
N ILE B 132 5.52 8.76 0.62
CA ILE B 132 4.26 8.38 0.03
C ILE B 132 4.09 6.86 0.16
N LYS B 133 2.98 6.42 0.72
CA LYS B 133 2.72 5.02 0.95
C LYS B 133 1.33 4.61 0.50
N PRO B 134 1.15 3.32 0.19
CA PRO B 134 -0.19 2.81 0.02
C PRO B 134 -1.12 3.22 1.17
N GLY B 135 -2.31 3.64 0.82
CA GLY B 135 -3.27 4.19 1.74
C GLY B 135 -3.39 5.70 1.68
N ASP B 136 -2.37 6.37 1.14
CA ASP B 136 -2.39 7.82 1.06
C ASP B 136 -3.44 8.26 0.05
N LYS B 137 -3.96 9.46 0.26
CA LYS B 137 -5.03 9.97 -0.58
C LYS B 137 -4.51 10.82 -1.72
N VAL B 138 -4.97 10.50 -2.91
CA VAL B 138 -4.59 11.21 -4.11
C VAL B 138 -5.78 12.04 -4.57
N GLU B 139 -5.54 13.31 -4.84
CA GLU B 139 -6.60 14.14 -5.34
CA GLU B 139 -6.58 14.30 -5.24
C GLU B 139 -6.20 14.91 -6.58
N TRP B 140 -7.16 15.04 -7.48
CA TRP B 140 -7.00 15.80 -8.71
C TRP B 140 -8.34 16.41 -9.05
C1 EDO C . -13.47 -11.31 22.49
O1 EDO C . -12.11 -11.73 22.74
C2 EDO C . -13.52 -10.02 21.67
O2 EDO C . -13.05 -8.89 22.43
C1 EDO D . 12.47 -17.73 7.42
O1 EDO D . 12.63 -18.75 6.42
C2 EDO D . 11.35 -16.75 7.11
O2 EDO D . 10.06 -17.39 7.22
C1 EDO E . 17.39 -9.86 13.99
C1 EDO E . 17.09 -9.97 13.90
O1 EDO E . 18.36 -8.86 14.29
O1 EDO E . 16.10 -10.86 14.40
C2 EDO E . 16.46 -9.40 12.88
C2 EDO E . 16.50 -9.20 12.74
O2 EDO E . 15.74 -8.25 13.35
O2 EDO E . 15.72 -8.12 13.26
C1 EDO F . 18.58 0.94 -10.35
O1 EDO F . 19.15 -0.39 -10.36
C2 EDO F . 17.37 0.94 -9.43
O2 EDO F . 16.35 0.16 -10.08
C1 EDO G . -9.39 5.61 -21.48
O1 EDO G . -10.83 5.56 -21.42
C2 EDO G . -8.73 4.30 -21.01
O2 EDO G . -9.10 4.03 -19.64
C1 EDO H . -5.01 19.62 -6.39
C1 EDO H . -5.23 19.50 -6.19
O1 EDO H . -5.08 20.85 -5.66
O1 EDO H . -5.42 20.79 -5.61
C2 EDO H . -6.04 18.64 -5.86
C2 EDO H . -6.52 18.69 -6.17
O2 EDO H . -5.75 18.30 -4.50
O2 EDO H . -7.67 19.54 -6.22
#